data_3C86
#
_entry.id   3C86
#
_cell.length_a   108.918
_cell.length_b   108.918
_cell.length_c   62.648
_cell.angle_alpha   90.00
_cell.angle_beta   90.00
_cell.angle_gamma   120.00
#
_symmetry.space_group_name_H-M   'P 31 2 1'
#
loop_
_entity.id
_entity.type
_entity.pdbx_description
1 polymer Phosphotriesterase
2 non-polymer 'FE (II) ION'
3 non-polymer 'COBALT (II) ION'
4 non-polymer 'O,O-DIETHYL HYDROGEN THIOPHOSPHATE'
5 non-polymer 1,2-ETHANEDIOL
6 water water
#
_entity_poly.entity_id   1
_entity_poly.type   'polypeptide(L)'
_entity_poly.pdbx_seq_one_letter_code
;GDLINTVRGPIPVSEAGFTLTHEHICGSSAGFLRAWPEFFGSRKALAEKAVRGLRHARAAGVQTIVDVSTFDIGRDVRLL
AEVSRAADVHIVAATGLWFDPPLSMRMRSVEELTQFFLREIQHGIEDTGIRAGII(KCX)VATTGKATPFQELVLKAAAR
ASLATGVPVTTHTSASQRDGEQQAAIFESEGLSPSRVCIGHSDDTDDLSYLTGLAARGYLVGLDRMPYSAIGLEGNASAL
ALFGTRSWQTRALLIKALIDRGYKDRILVSHDWLFGFSSYVTNIMDVMDRINPDGMAFVPLRVIPFLREKGVPPETLAGV
TVANPARFLSPT
;
_entity_poly.pdbx_strand_id   A
#
loop_
_chem_comp.id
_chem_comp.type
_chem_comp.name
_chem_comp.formula
CO non-polymer 'COBALT (II) ION' 'Co 2'
DPJ non-polymer 'O,O-DIETHYL HYDROGEN THIOPHOSPHATE' 'C4 H11 O3 P S'
EDO non-polymer 1,2-ETHANEDIOL 'C2 H6 O2'
FE2 non-polymer 'FE (II) ION' 'Fe 2'
#
# COMPACT_ATOMS: atom_id res chain seq x y z
N GLY A 1 18.78 7.42 -14.25
CA GLY A 1 19.35 8.25 -13.13
C GLY A 1 18.92 7.75 -11.73
N ASP A 2 17.77 8.21 -11.24
CA ASP A 2 17.26 7.81 -9.93
C ASP A 2 16.95 6.31 -9.95
N LEU A 3 17.17 5.66 -8.82
CA LEU A 3 16.99 4.23 -8.71
C LEU A 3 15.99 3.97 -7.59
N ILE A 4 15.28 2.86 -7.67
CA ILE A 4 14.48 2.40 -6.52
C ILE A 4 14.80 0.91 -6.25
N ASN A 5 14.80 0.55 -4.99
CA ASN A 5 15.09 -0.84 -4.63
C ASN A 5 13.85 -1.70 -4.74
N THR A 6 14.02 -2.83 -5.41
CA THR A 6 12.97 -3.86 -5.50
C THR A 6 13.49 -5.13 -4.89
N VAL A 7 12.63 -6.12 -4.74
CA VAL A 7 13.04 -7.41 -4.20
C VAL A 7 14.04 -8.16 -5.11
N ARG A 8 14.12 -7.76 -6.38
CA ARG A 8 15.12 -8.36 -7.29
C ARG A 8 16.37 -7.49 -7.43
N GLY A 9 16.42 -6.41 -6.66
CA GLY A 9 17.50 -5.45 -6.71
C GLY A 9 17.12 -4.08 -7.25
N PRO A 10 18.12 -3.23 -7.54
CA PRO A 10 17.87 -1.86 -8.03
C PRO A 10 17.30 -1.83 -9.45
N ILE A 11 16.33 -0.93 -9.67
CA ILE A 11 15.84 -0.61 -11.01
C ILE A 11 15.82 0.89 -11.21
N PRO A 12 16.00 1.34 -12.48
CA PRO A 12 15.82 2.77 -12.76
C PRO A 12 14.33 3.13 -12.47
N VAL A 13 14.11 4.28 -11.85
CA VAL A 13 12.79 4.88 -11.58
C VAL A 13 11.91 4.89 -12.86
N SER A 14 12.52 5.19 -14.01
CA SER A 14 11.79 5.25 -15.29
C SER A 14 11.27 3.92 -15.81
N GLU A 15 11.75 2.81 -15.23
CA GLU A 15 11.26 1.50 -15.58
C GLU A 15 10.10 0.99 -14.72
N ALA A 16 9.77 1.75 -13.68
CA ALA A 16 8.70 1.34 -12.75
C ALA A 16 7.37 1.27 -13.54
N GLY A 17 7.19 2.20 -14.49
CA GLY A 17 5.96 2.20 -15.30
C GLY A 17 4.68 2.27 -14.43
N PHE A 18 3.60 1.73 -14.98
CA PHE A 18 2.32 1.71 -14.30
C PHE A 18 2.51 0.95 -12.98
N THR A 19 2.33 1.66 -11.87
CA THR A 19 2.68 1.16 -10.53
C THR A 19 1.52 1.22 -9.58
N LEU A 20 1.22 0.08 -8.92
CA LEU A 20 0.15 0.04 -7.88
C LEU A 20 0.85 0.22 -6.53
N THR A 21 0.56 1.31 -5.84
CA THR A 21 1.40 1.73 -4.71
C THR A 21 0.97 1.17 -3.33
N HIS A 22 -0.13 0.42 -3.26
CA HIS A 22 -0.49 -0.23 -1.94
C HIS A 22 -1.12 -1.58 -2.23
N GLU A 23 -0.34 -2.66 -2.13
CA GLU A 23 -0.80 -4.02 -2.49
C GLU A 23 -0.11 -4.96 -1.50
N HIS A 24 -0.59 -6.19 -1.44
CA HIS A 24 0.10 -7.23 -0.64
C HIS A 24 0.14 -8.51 -1.47
N ILE A 25 1.26 -9.23 -1.38
CA ILE A 25 1.23 -10.64 -1.85
C ILE A 25 0.46 -11.45 -0.82
N CYS A 26 0.77 -11.22 0.46
CA CYS A 26 0.06 -12.00 1.52
C CYS A 26 -0.12 -11.15 2.77
N GLY A 27 -1.36 -11.02 3.27
CA GLY A 27 -1.59 -10.31 4.54
C GLY A 27 -1.65 -11.32 5.69
N SER A 28 -0.62 -11.30 6.55
CA SER A 28 -0.44 -12.37 7.53
C SER A 28 0.16 -11.73 8.81
N SER A 29 1.01 -12.49 9.50
CA SER A 29 1.61 -12.00 10.73
C SER A 29 3.08 -12.46 10.75
N ALA A 30 3.92 -11.78 11.53
CA ALA A 30 5.32 -12.19 11.65
C ALA A 30 5.43 -13.71 12.00
N GLY A 31 6.26 -14.45 11.24
CA GLY A 31 6.51 -15.88 11.52
C GLY A 31 5.45 -16.88 11.07
N PHE A 32 4.26 -16.39 10.67
CA PHE A 32 3.09 -17.26 10.48
C PHE A 32 3.25 -18.15 9.24
N LEU A 33 3.67 -17.57 8.13
CA LEU A 33 3.83 -18.37 6.90
C LEU A 33 4.88 -19.49 7.13
N ARG A 34 5.93 -19.20 7.90
CA ARG A 34 6.91 -20.24 8.23
C ARG A 34 6.35 -21.32 9.17
N ALA A 35 5.56 -20.90 10.15
CA ALA A 35 5.06 -21.84 11.19
C ALA A 35 3.84 -22.66 10.72
N TRP A 36 3.03 -22.05 9.86
CA TRP A 36 1.77 -22.69 9.48
C TRP A 36 1.40 -22.46 7.98
N PRO A 37 2.28 -22.88 7.06
CA PRO A 37 2.08 -22.66 5.62
C PRO A 37 0.81 -23.35 5.14
N GLU A 38 0.42 -24.42 5.83
CA GLU A 38 -0.82 -25.15 5.47
C GLU A 38 -2.06 -24.30 5.60
N PHE A 39 -2.02 -23.24 6.42
CA PHE A 39 -3.15 -22.34 6.47
C PHE A 39 -3.52 -21.91 5.02
N PHE A 40 -2.51 -21.74 4.16
CA PHE A 40 -2.71 -21.22 2.82
C PHE A 40 -2.84 -22.33 1.77
N GLY A 41 -3.09 -23.54 2.24
CA GLY A 41 -2.91 -24.72 1.39
C GLY A 41 -1.48 -25.20 1.51
N SER A 42 -0.55 -24.44 0.93
CA SER A 42 0.88 -24.65 1.16
C SER A 42 1.55 -23.39 0.68
N ARG A 43 2.82 -23.25 0.96
CA ARG A 43 3.59 -22.11 0.47
C ARG A 43 3.58 -22.17 -1.06
N LYS A 44 3.79 -23.37 -1.63
CA LYS A 44 3.81 -23.54 -3.10
C LYS A 44 2.47 -23.05 -3.70
N ALA A 45 1.34 -23.42 -3.09
CA ALA A 45 0.03 -23.02 -3.62
C ALA A 45 -0.12 -21.52 -3.55
N LEU A 46 0.31 -20.95 -2.42
CA LEU A 46 0.28 -19.49 -2.30
C LEU A 46 1.12 -18.76 -3.36
N ALA A 47 2.34 -19.20 -3.56
CA ALA A 47 3.20 -18.59 -4.56
C ALA A 47 2.56 -18.69 -6.01
N GLU A 48 2.08 -19.89 -6.34
CA GLU A 48 1.48 -20.09 -7.65
C GLU A 48 0.29 -19.16 -7.87
N LYS A 49 -0.60 -19.07 -6.88
CA LYS A 49 -1.72 -18.14 -6.90
C LYS A 49 -1.25 -16.71 -7.14
N ALA A 50 -0.26 -16.27 -6.34
CA ALA A 50 0.33 -14.94 -6.51
C ALA A 50 0.94 -14.73 -7.91
N VAL A 51 1.71 -15.70 -8.39
CA VAL A 51 2.24 -15.59 -9.78
C VAL A 51 1.11 -15.43 -10.86
N ARG A 52 0.05 -16.21 -10.75
CA ARG A 52 -1.09 -16.14 -11.72
C ARG A 52 -1.71 -14.73 -11.60
N GLY A 53 -1.90 -14.27 -10.37
CA GLY A 53 -2.47 -12.92 -10.16
C GLY A 53 -1.63 -11.81 -10.75
N LEU A 54 -0.32 -11.84 -10.47
CA LEU A 54 0.57 -10.78 -10.94
C LEU A 54 0.74 -10.86 -12.44
N ARG A 55 0.74 -12.07 -13.01
CA ARG A 55 0.75 -12.18 -14.48
C ARG A 55 -0.49 -11.57 -15.13
N HIS A 56 -1.63 -11.76 -14.47
CA HIS A 56 -2.89 -11.13 -14.93
C HIS A 56 -2.81 -9.61 -14.87
N ALA A 57 -2.32 -9.08 -13.74
CA ALA A 57 -2.04 -7.66 -13.63
C ALA A 57 -1.07 -7.16 -14.70
N ARG A 58 -0.01 -7.94 -14.98
CA ARG A 58 0.99 -7.54 -15.92
C ARG A 58 0.33 -7.43 -17.33
N ALA A 59 -0.44 -8.44 -17.67
CA ALA A 59 -1.11 -8.49 -18.99
C ALA A 59 -1.98 -7.22 -19.17
N ALA A 60 -2.63 -6.77 -18.08
CA ALA A 60 -3.42 -5.50 -18.05
C ALA A 60 -2.59 -4.23 -18.04
N GLY A 61 -1.27 -4.35 -17.98
CA GLY A 61 -0.39 -3.18 -18.07
C GLY A 61 0.34 -2.78 -16.78
N VAL A 62 0.12 -3.53 -15.70
CA VAL A 62 0.80 -3.22 -14.40
C VAL A 62 2.27 -3.67 -14.49
N GLN A 63 3.20 -2.76 -14.23
CA GLN A 63 4.62 -3.15 -14.33
C GLN A 63 5.28 -3.34 -12.94
N THR A 64 4.71 -2.69 -11.92
CA THR A 64 5.35 -2.62 -10.58
C THR A 64 4.22 -2.60 -9.55
N ILE A 65 4.41 -3.34 -8.47
CA ILE A 65 3.56 -3.13 -7.30
C ILE A 65 4.43 -2.83 -6.09
N VAL A 66 3.85 -2.09 -5.16
CA VAL A 66 4.54 -1.80 -3.89
C VAL A 66 3.82 -2.65 -2.84
N ASP A 67 4.54 -3.68 -2.37
CA ASP A 67 4.01 -4.57 -1.35
C ASP A 67 4.25 -3.89 0.01
N VAL A 68 3.18 -3.31 0.57
CA VAL A 68 3.33 -2.52 1.84
C VAL A 68 3.18 -3.39 3.10
N SER A 69 3.48 -4.68 2.96
CA SER A 69 3.47 -5.60 4.15
C SER A 69 4.74 -5.28 4.96
N THR A 70 4.50 -4.97 6.22
CA THR A 70 5.59 -4.76 7.16
C THR A 70 5.94 -6.07 7.83
N PHE A 71 6.96 -6.01 8.68
CA PHE A 71 7.27 -7.09 9.58
C PHE A 71 6.02 -7.76 10.24
N ASP A 72 5.09 -6.94 10.74
CA ASP A 72 3.95 -7.44 11.52
C ASP A 72 2.75 -7.80 10.65
N ILE A 73 2.87 -7.55 9.35
CA ILE A 73 1.94 -8.11 8.34
C ILE A 73 2.54 -9.43 7.84
N GLY A 74 3.64 -9.86 8.45
CA GLY A 74 4.22 -11.18 8.11
C GLY A 74 4.87 -11.18 6.74
N ARG A 75 5.29 -10.00 6.26
CA ARG A 75 6.13 -9.85 5.01
C ARG A 75 7.17 -10.94 4.93
N ASP A 76 7.19 -11.68 3.81
CA ASP A 76 8.19 -12.71 3.57
C ASP A 76 8.94 -12.32 2.31
N VAL A 77 10.05 -11.59 2.45
CA VAL A 77 10.69 -11.03 1.25
C VAL A 77 11.18 -12.12 0.23
N ARG A 78 11.54 -13.31 0.73
CA ARG A 78 11.93 -14.38 -0.21
C ARG A 78 10.74 -14.78 -1.09
N LEU A 79 9.56 -14.87 -0.48
CA LEU A 79 8.34 -15.11 -1.24
C LEU A 79 8.13 -14.03 -2.30
N LEU A 80 8.28 -12.76 -1.90
CA LEU A 80 8.11 -11.64 -2.85
C LEU A 80 9.10 -11.74 -3.99
N ALA A 81 10.34 -12.09 -3.66
CA ALA A 81 11.33 -12.20 -4.74
C ALA A 81 11.01 -13.36 -5.69
N GLU A 82 10.57 -14.51 -5.16
CA GLU A 82 10.24 -15.68 -6.00
C GLU A 82 9.12 -15.31 -6.97
N VAL A 83 8.07 -14.68 -6.45
CA VAL A 83 6.86 -14.42 -7.28
C VAL A 83 7.15 -13.28 -8.27
N SER A 84 7.95 -12.30 -7.87
CA SER A 84 8.34 -11.21 -8.74
C SER A 84 9.10 -11.80 -9.95
N ARG A 85 10.06 -12.68 -9.67
CA ARG A 85 10.81 -13.35 -10.72
C ARG A 85 9.93 -14.15 -11.65
N ALA A 86 9.04 -14.98 -11.09
CA ALA A 86 8.18 -15.83 -11.90
C ALA A 86 7.18 -15.06 -12.76
N ALA A 87 6.64 -13.96 -12.21
CA ALA A 87 5.62 -13.20 -12.95
C ALA A 87 6.14 -12.07 -13.83
N ASP A 88 7.43 -11.79 -13.67
CA ASP A 88 8.09 -10.61 -14.25
C ASP A 88 7.38 -9.28 -13.95
N VAL A 89 7.10 -9.04 -12.67
CA VAL A 89 6.52 -7.78 -12.24
C VAL A 89 7.43 -7.32 -11.10
N HIS A 90 7.88 -6.07 -11.14
CA HIS A 90 8.72 -5.54 -10.07
C HIS A 90 7.87 -5.51 -8.77
N ILE A 91 8.53 -5.75 -7.64
CA ILE A 91 7.90 -5.57 -6.33
C ILE A 91 8.85 -4.78 -5.46
N VAL A 92 8.35 -3.65 -4.94
CA VAL A 92 9.05 -2.86 -3.92
C VAL A 92 8.58 -3.32 -2.53
N ALA A 93 9.53 -3.68 -1.65
CA ALA A 93 9.15 -4.15 -0.32
C ALA A 93 9.18 -2.96 0.67
N ALA A 94 8.62 -3.19 1.86
CA ALA A 94 8.37 -2.13 2.83
C ALA A 94 9.11 -2.46 4.12
N THR A 95 9.46 -1.40 4.86
CA THR A 95 9.71 -1.54 6.30
C THR A 95 8.60 -0.76 7.02
N GLY A 96 8.78 -0.48 8.33
CA GLY A 96 7.74 0.19 9.13
C GLY A 96 7.02 -0.79 10.02
N LEU A 97 5.92 -0.33 10.63
CA LEU A 97 5.06 -1.21 11.42
C LEU A 97 3.59 -0.84 11.20
N TRP A 98 2.76 -1.86 11.13
CA TRP A 98 1.32 -1.72 10.93
C TRP A 98 0.71 -1.75 12.35
N PHE A 99 -0.55 -2.16 12.48
CA PHE A 99 -1.20 -2.03 13.80
C PHE A 99 -1.28 -3.37 14.57
N ASP A 100 -0.39 -4.32 14.24
CA ASP A 100 -0.28 -5.55 15.01
C ASP A 100 1.15 -5.80 15.49
N PRO A 101 1.84 -4.75 16.02
CA PRO A 101 3.22 -5.02 16.46
C PRO A 101 3.25 -5.93 17.70
N PRO A 102 4.17 -6.91 17.71
CA PRO A 102 4.26 -7.73 18.93
C PRO A 102 4.97 -6.94 20.04
N LEU A 103 5.04 -7.53 21.23
CA LEU A 103 5.67 -6.82 22.37
C LEU A 103 7.13 -6.39 22.08
N SER A 104 7.89 -7.24 21.38
CA SER A 104 9.30 -6.92 21.13
C SER A 104 9.49 -5.63 20.27
N MET A 105 8.43 -5.25 19.54
CA MET A 105 8.37 -3.93 18.87
C MET A 105 7.71 -2.88 19.77
N ARG A 106 6.58 -3.20 20.41
CA ARG A 106 5.87 -2.22 21.21
C ARG A 106 6.65 -1.68 22.37
N MET A 107 7.67 -2.42 22.81
CA MET A 107 8.46 -1.94 23.94
C MET A 107 9.60 -1.00 23.51
N ARG A 108 9.75 -0.73 22.19
CA ARG A 108 10.90 -0.02 21.67
C ARG A 108 10.74 1.49 21.70
N SER A 109 11.87 2.17 21.79
CA SER A 109 11.85 3.66 21.78
C SER A 109 11.87 4.17 20.34
N VAL A 110 11.67 5.48 20.17
CA VAL A 110 11.73 6.06 18.83
C VAL A 110 13.11 5.84 18.24
N GLU A 111 14.16 5.93 19.08
CA GLU A 111 15.50 5.70 18.54
C GLU A 111 15.72 4.28 18.01
N GLU A 112 15.23 3.32 18.76
CA GLU A 112 15.39 1.89 18.46
C GLU A 112 14.58 1.54 17.18
N LEU A 113 13.37 2.08 17.11
CA LEU A 113 12.53 1.89 15.89
C LEU A 113 13.17 2.53 14.66
N THR A 114 13.79 3.70 14.82
CA THR A 114 14.49 4.35 13.70
C THR A 114 15.59 3.44 13.18
N GLN A 115 16.36 2.85 14.10
CA GLN A 115 17.45 1.93 13.78
C GLN A 115 16.93 0.69 13.03
N PHE A 116 15.80 0.18 13.48
CA PHE A 116 15.19 -0.97 12.81
C PHE A 116 14.78 -0.60 11.35
N PHE A 117 14.04 0.50 11.19
CA PHE A 117 13.61 0.89 9.82
C PHE A 117 14.82 1.14 8.95
N LEU A 118 15.84 1.84 9.49
CA LEU A 118 17.10 2.05 8.75
C LEU A 118 17.81 0.77 8.32
N ARG A 119 17.83 -0.21 9.22
CA ARG A 119 18.42 -1.52 8.92
C ARG A 119 17.75 -2.09 7.65
N GLU A 120 16.42 -2.08 7.62
CA GLU A 120 15.68 -2.72 6.51
C GLU A 120 15.82 -1.93 5.18
N ILE A 121 16.05 -0.63 5.28
CA ILE A 121 16.23 0.24 4.09
C ILE A 121 17.68 0.16 3.58
N GLN A 122 18.62 0.25 4.52
CA GLN A 122 20.04 0.50 4.18
C GLN A 122 20.89 -0.73 4.12
N HIS A 123 20.60 -1.70 4.98
CA HIS A 123 21.37 -2.94 5.08
C HIS A 123 20.65 -4.09 4.35
N GLY A 124 19.36 -4.28 4.65
CA GLY A 124 18.65 -5.41 4.09
C GLY A 124 17.66 -5.99 5.07
N ILE A 125 16.63 -6.65 4.55
CA ILE A 125 15.63 -7.29 5.39
C ILE A 125 16.12 -8.68 5.79
N GLU A 126 16.12 -8.97 7.10
CA GLU A 126 16.54 -10.26 7.64
C GLU A 126 17.98 -10.48 7.18
N ASP A 127 18.27 -11.66 6.62
CA ASP A 127 19.62 -11.95 6.11
C ASP A 127 19.67 -11.96 4.59
N THR A 128 18.73 -11.28 3.93
CA THR A 128 18.59 -11.43 2.47
C THR A 128 19.33 -10.39 1.63
N GLY A 129 19.71 -9.28 2.24
CA GLY A 129 20.21 -8.14 1.46
C GLY A 129 19.14 -7.37 0.65
N ILE A 130 17.89 -7.84 0.71
CA ILE A 130 16.84 -7.15 -0.06
C ILE A 130 16.47 -5.89 0.72
N ARG A 131 16.51 -4.72 0.07
CA ARG A 131 16.28 -3.49 0.75
C ARG A 131 14.89 -2.97 0.55
N ALA A 132 14.31 -2.46 1.64
CA ALA A 132 13.00 -1.79 1.58
C ALA A 132 13.03 -0.50 0.75
N GLY A 133 11.95 -0.26 -0.01
CA GLY A 133 11.82 1.00 -0.78
C GLY A 133 10.69 1.94 -0.32
N ILE A 134 10.10 1.63 0.80
CA ILE A 134 9.00 2.45 1.36
C ILE A 134 8.88 2.11 2.84
N ILE A 135 8.30 3.04 3.60
CA ILE A 135 8.05 2.80 5.01
C ILE A 135 6.57 2.94 5.31
N KCX A 136 5.97 1.88 5.79
CA KCX A 136 4.50 1.66 5.98
CB KCX A 136 4.03 0.26 5.58
CG KCX A 136 2.59 -0.03 6.06
CD KCX A 136 1.53 0.89 5.40
CE KCX A 136 0.11 0.50 5.92
NZ KCX A 136 -0.22 -0.83 5.42
C KCX A 136 4.30 1.90 7.47
O KCX A 136 4.87 1.29 8.36
CX KCX A 136 -1.45 -1.36 5.25
OQ1 KCX A 136 -1.63 -2.47 4.62
OQ2 KCX A 136 -2.44 -0.73 5.71
N VAL A 137 3.29 2.75 7.86
CA VAL A 137 2.84 2.97 9.27
C VAL A 137 1.31 2.98 9.33
N ALA A 138 0.76 2.99 10.52
CA ALA A 138 -0.67 2.82 10.65
C ALA A 138 -1.19 3.45 11.94
N THR A 139 -2.39 4.03 11.83
CA THR A 139 -3.25 4.32 12.99
C THR A 139 -4.65 3.81 12.65
N THR A 140 -5.46 3.58 13.69
CA THR A 140 -6.86 3.24 13.51
C THR A 140 -7.67 4.11 14.51
N GLY A 141 -7.82 5.38 14.17
CA GLY A 141 -8.27 6.40 15.10
C GLY A 141 -7.10 7.23 15.59
N LYS A 142 -7.27 7.85 16.74
CA LYS A 142 -6.22 8.59 17.35
C LYS A 142 -5.05 7.63 17.56
N ALA A 143 -3.83 8.14 17.34
CA ALA A 143 -2.61 7.31 17.44
C ALA A 143 -2.48 6.86 18.88
N THR A 144 -2.13 5.60 19.07
CA THR A 144 -1.66 5.18 20.39
C THR A 144 -0.32 5.82 20.71
N PRO A 145 0.07 5.82 22.00
CA PRO A 145 1.41 6.33 22.32
C PRO A 145 2.52 5.63 21.46
N PHE A 146 2.43 4.30 21.35
CA PHE A 146 3.41 3.58 20.54
C PHE A 146 3.34 4.07 19.07
N GLN A 147 2.14 4.11 18.51
CA GLN A 147 1.98 4.62 17.13
C GLN A 147 2.58 6.01 16.90
N GLU A 148 2.43 6.94 17.86
CA GLU A 148 3.24 8.20 17.81
C GLU A 148 4.73 8.00 17.57
N LEU A 149 5.34 7.03 18.30
CA LEU A 149 6.76 6.75 18.14
C LEU A 149 7.04 6.22 16.74
N VAL A 150 6.19 5.29 16.28
CA VAL A 150 6.36 4.70 14.97
C VAL A 150 6.34 5.78 13.89
N LEU A 151 5.40 6.70 13.97
CA LEU A 151 5.29 7.72 12.93
C LEU A 151 6.51 8.65 12.97
N LYS A 152 7.02 8.96 14.18
CA LYS A 152 8.25 9.76 14.30
C LYS A 152 9.45 9.02 13.77
N ALA A 153 9.56 7.72 14.11
CA ALA A 153 10.67 6.89 13.61
C ALA A 153 10.60 6.82 12.06
N ALA A 154 9.39 6.63 11.52
CA ALA A 154 9.26 6.62 10.05
C ALA A 154 9.76 7.94 9.45
N ALA A 155 9.35 9.07 10.04
CA ALA A 155 9.80 10.40 9.56
C ALA A 155 11.31 10.51 9.61
N ARG A 156 11.92 10.03 10.70
CA ARG A 156 13.37 10.12 10.79
C ARG A 156 14.07 9.24 9.76
N ALA A 157 13.60 8.01 9.60
CA ALA A 157 14.17 7.13 8.59
C ALA A 157 14.02 7.66 7.16
N SER A 158 12.85 8.19 6.83
CA SER A 158 12.65 8.85 5.53
C SER A 158 13.63 10.02 5.35
N LEU A 159 13.73 10.91 6.33
CA LEU A 159 14.70 12.02 6.23
C LEU A 159 16.13 11.55 5.94
N ALA A 160 16.52 10.48 6.61
CA ALA A 160 17.86 9.90 6.40
C ALA A 160 18.10 9.22 5.05
N THR A 161 17.05 8.67 4.42
CA THR A 161 17.24 7.80 3.25
C THR A 161 16.55 8.38 1.99
N GLY A 162 15.56 9.25 2.19
CA GLY A 162 14.75 9.78 1.08
C GLY A 162 13.60 8.87 0.61
N VAL A 163 13.49 7.68 1.22
CA VAL A 163 12.40 6.73 0.95
C VAL A 163 11.08 7.30 1.52
N PRO A 164 9.96 7.14 0.78
CA PRO A 164 8.72 7.75 1.18
C PRO A 164 8.04 6.95 2.31
N VAL A 165 7.04 7.58 2.94
CA VAL A 165 6.25 6.95 4.02
C VAL A 165 4.83 6.81 3.52
N THR A 166 4.17 5.68 3.81
CA THR A 166 2.78 5.51 3.35
C THR A 166 1.97 4.99 4.55
N THR A 167 0.70 5.36 4.65
CA THR A 167 -0.04 5.10 5.93
C THR A 167 -1.34 4.32 5.71
N HIS A 168 -1.75 3.59 6.75
CA HIS A 168 -3.09 3.04 6.85
C HIS A 168 -3.78 4.09 7.73
N THR A 169 -5.00 4.44 7.36
CA THR A 169 -5.80 5.26 8.28
C THR A 169 -7.12 4.58 8.52
N SER A 170 -7.79 4.99 9.60
CA SER A 170 -9.23 4.91 9.64
C SER A 170 -9.79 6.23 9.02
N ALA A 171 -10.11 6.17 7.73
CA ALA A 171 -10.38 7.41 6.96
C ALA A 171 -11.64 8.11 7.51
N SER A 172 -12.62 7.32 7.92
CA SER A 172 -13.85 7.95 8.48
C SER A 172 -13.57 8.75 9.75
N GLN A 173 -12.47 8.46 10.45
CA GLN A 173 -12.06 9.24 11.63
C GLN A 173 -11.02 10.30 11.32
N ARG A 174 -10.70 10.48 10.03
CA ARG A 174 -9.84 11.56 9.59
C ARG A 174 -8.42 11.50 10.21
N ASP A 175 -7.89 10.29 10.34
CA ASP A 175 -6.58 10.08 10.99
C ASP A 175 -5.49 10.88 10.32
N GLY A 176 -5.60 11.08 8.99
CA GLY A 176 -4.54 11.74 8.21
C GLY A 176 -4.11 13.10 8.79
N GLU A 177 -5.05 13.80 9.43
CA GLU A 177 -4.71 15.14 9.97
C GLU A 177 -3.69 15.04 11.13
N GLN A 178 -3.93 14.11 12.05
CA GLN A 178 -2.97 13.84 13.12
C GLN A 178 -1.67 13.23 12.60
N GLN A 179 -1.76 12.29 11.65
CA GLN A 179 -0.53 11.76 11.03
C GLN A 179 0.34 12.89 10.43
N ALA A 180 -0.32 13.73 9.64
CA ALA A 180 0.36 14.89 9.06
C ALA A 180 1.02 15.78 10.14
N ALA A 181 0.28 16.11 11.21
CA ALA A 181 0.83 16.94 12.30
C ALA A 181 2.09 16.29 12.91
N ILE A 182 2.04 14.98 13.16
CA ILE A 182 3.20 14.26 13.68
C ILE A 182 4.39 14.27 12.71
N PHE A 183 4.13 13.93 11.44
CA PHE A 183 5.18 14.00 10.43
C PHE A 183 5.83 15.40 10.34
N GLU A 184 5.01 16.43 10.31
CA GLU A 184 5.51 17.78 10.12
C GLU A 184 6.26 18.24 11.38
N SER A 185 5.85 17.74 12.53
CA SER A 185 6.62 18.04 13.77
C SER A 185 8.06 17.51 13.70
N GLU A 186 8.29 16.49 12.86
CA GLU A 186 9.62 15.91 12.68
C GLU A 186 10.37 16.55 11.50
N GLY A 187 9.68 17.44 10.79
CA GLY A 187 10.27 18.15 9.63
C GLY A 187 10.24 17.38 8.31
N LEU A 188 9.38 16.36 8.23
CA LEU A 188 9.19 15.61 6.98
C LEU A 188 8.36 16.40 5.98
N SER A 189 8.80 16.39 4.74
CA SER A 189 8.05 17.03 3.66
C SER A 189 6.78 16.20 3.31
N PRO A 190 5.60 16.86 3.25
CA PRO A 190 4.34 16.17 2.87
C PRO A 190 4.45 15.44 1.53
N SER A 191 5.33 15.89 0.63
CA SER A 191 5.50 15.16 -0.66
C SER A 191 6.16 13.79 -0.50
N ARG A 192 6.71 13.52 0.69
CA ARG A 192 7.31 12.22 0.95
C ARG A 192 6.26 11.26 1.57
N VAL A 193 5.02 11.74 1.72
CA VAL A 193 4.02 11.01 2.49
C VAL A 193 2.74 10.71 1.70
N CYS A 194 2.27 9.45 1.78
CA CYS A 194 0.95 9.14 1.22
C CYS A 194 0.02 8.74 2.37
N ILE A 195 -1.09 9.48 2.50
CA ILE A 195 -2.12 9.15 3.46
C ILE A 195 -3.12 8.16 2.88
N GLY A 196 -3.03 6.91 3.33
CA GLY A 196 -3.70 5.79 2.62
C GLY A 196 -5.11 5.54 3.07
N HIS A 197 -5.80 4.64 2.36
CA HIS A 197 -7.22 4.33 2.58
C HIS A 197 -8.09 5.57 2.59
N SER A 198 -7.71 6.51 1.75
CA SER A 198 -8.41 7.81 1.71
C SER A 198 -9.67 7.72 0.85
N ASP A 199 -9.79 6.64 0.08
CA ASP A 199 -11.03 6.35 -0.68
C ASP A 199 -12.09 5.62 0.20
N ASP A 200 -11.75 5.36 1.46
CA ASP A 200 -12.71 4.79 2.42
C ASP A 200 -13.68 5.90 2.97
N THR A 201 -13.46 7.14 2.56
CA THR A 201 -14.35 8.25 2.97
C THR A 201 -14.74 9.05 1.73
N ASP A 202 -15.92 9.69 1.76
CA ASP A 202 -16.23 10.68 0.67
C ASP A 202 -16.07 12.11 1.18
N ASP A 203 -15.36 12.25 2.30
CA ASP A 203 -15.12 13.58 2.84
C ASP A 203 -14.02 14.33 2.07
N LEU A 204 -14.41 15.10 1.02
CA LEU A 204 -13.45 15.82 0.21
C LEU A 204 -12.91 17.07 0.92
N SER A 205 -13.56 17.52 2.01
CA SER A 205 -12.93 18.63 2.78
C SER A 205 -11.62 18.08 3.40
N TYR A 206 -11.78 16.95 4.05
CA TYR A 206 -10.63 16.22 4.64
C TYR A 206 -9.57 15.95 3.55
N LEU A 207 -9.99 15.41 2.41
CA LEU A 207 -9.00 14.95 1.39
C LEU A 207 -8.35 16.15 0.70
N THR A 208 -9.13 17.15 0.33
CA THR A 208 -8.48 18.29 -0.33
C THR A 208 -7.60 19.06 0.67
N GLY A 209 -7.98 19.08 1.94
CA GLY A 209 -7.12 19.71 2.98
C GLY A 209 -5.69 19.17 3.01
N LEU A 210 -5.58 17.84 3.05
CA LEU A 210 -4.31 17.13 2.87
C LEU A 210 -3.62 17.37 1.55
N ALA A 211 -4.33 17.25 0.43
CA ALA A 211 -3.72 17.44 -0.89
C ALA A 211 -3.18 18.88 -1.05
N ALA A 212 -3.94 19.86 -0.57
CA ALA A 212 -3.50 21.27 -0.57
C ALA A 212 -2.15 21.45 0.15
N ARG A 213 -1.95 20.72 1.25
CA ARG A 213 -0.66 20.72 1.98
C ARG A 213 0.50 19.96 1.30
N GLY A 214 0.23 19.27 0.22
CA GLY A 214 1.26 18.58 -0.53
C GLY A 214 1.30 17.08 -0.28
N TYR A 215 0.40 16.56 0.55
CA TYR A 215 0.41 15.11 0.80
C TYR A 215 -0.08 14.38 -0.45
N LEU A 216 0.36 13.14 -0.64
CA LEU A 216 -0.25 12.27 -1.63
C LEU A 216 -1.44 11.63 -0.94
N VAL A 217 -2.51 11.42 -1.71
CA VAL A 217 -3.75 10.92 -1.17
C VAL A 217 -3.93 9.54 -1.81
N GLY A 218 -3.86 8.51 -0.97
CA GLY A 218 -3.96 7.12 -1.42
C GLY A 218 -5.40 6.63 -1.55
N LEU A 219 -5.84 6.49 -2.81
CA LEU A 219 -7.16 6.00 -3.11
C LEU A 219 -6.98 4.55 -3.51
N ASP A 220 -6.80 3.71 -2.50
CA ASP A 220 -6.05 2.49 -2.68
C ASP A 220 -6.87 1.25 -2.35
N ARG A 221 -8.20 1.40 -2.21
CA ARG A 221 -9.04 0.23 -1.95
C ARG A 221 -10.13 0.12 -3.03
N MET A 222 -9.76 0.36 -4.29
CA MET A 222 -10.74 0.45 -5.38
C MET A 222 -11.78 -0.69 -5.42
N PRO A 223 -11.35 -1.95 -5.33
CA PRO A 223 -12.35 -3.02 -5.61
C PRO A 223 -13.20 -3.38 -4.41
N TYR A 224 -12.95 -2.74 -3.26
CA TYR A 224 -13.62 -3.16 -2.04
C TYR A 224 -15.06 -2.70 -1.94
N SER A 225 -15.98 -3.67 -1.93
CA SER A 225 -17.43 -3.37 -1.64
C SER A 225 -18.13 -4.64 -1.19
N ALA A 226 -18.94 -4.55 -0.13
CA ALA A 226 -19.79 -5.70 0.29
C ALA A 226 -21.24 -5.53 -0.18
N ILE A 227 -21.45 -4.61 -1.15
CA ILE A 227 -22.78 -4.47 -1.72
C ILE A 227 -23.26 -5.85 -2.22
N GLY A 228 -24.37 -6.34 -1.68
CA GLY A 228 -24.89 -7.64 -2.07
C GLY A 228 -24.48 -8.77 -1.12
N LEU A 229 -23.67 -8.42 -0.11
CA LEU A 229 -23.10 -9.40 0.83
C LEU A 229 -23.47 -8.98 2.22
N GLU A 230 -24.38 -8.02 2.33
CA GLU A 230 -24.63 -7.38 3.59
C GLU A 230 -25.03 -8.39 4.68
N GLY A 231 -25.38 -9.63 4.30
CA GLY A 231 -25.62 -10.69 5.30
C GLY A 231 -24.34 -11.31 5.90
N ASN A 232 -23.20 -10.92 5.34
CA ASN A 232 -21.89 -11.43 5.80
C ASN A 232 -21.21 -10.39 6.67
N ALA A 233 -21.30 -10.54 8.00
CA ALA A 233 -20.93 -9.44 8.88
C ALA A 233 -19.45 -9.08 8.71
N SER A 234 -18.61 -10.09 8.53
CA SER A 234 -17.16 -9.84 8.44
C SER A 234 -16.78 -9.13 7.13
N ALA A 235 -17.39 -9.56 6.02
CA ALA A 235 -17.18 -8.88 4.73
C ALA A 235 -17.71 -7.43 4.79
N LEU A 236 -18.91 -7.26 5.34
CA LEU A 236 -19.45 -5.93 5.51
C LEU A 236 -18.50 -5.02 6.27
N ALA A 237 -17.92 -5.52 7.37
CA ALA A 237 -17.16 -4.66 8.28
C ALA A 237 -15.85 -4.21 7.55
N LEU A 238 -15.31 -5.09 6.71
CA LEU A 238 -13.99 -4.86 6.15
C LEU A 238 -14.09 -4.12 4.82
N PHE A 239 -15.06 -4.56 3.99
CA PHE A 239 -15.27 -3.99 2.63
C PHE A 239 -16.05 -2.67 2.54
N GLY A 240 -17.01 -2.45 3.45
CA GLY A 240 -17.88 -1.26 3.39
C GLY A 240 -19.10 -1.43 2.47
N THR A 241 -19.91 -0.38 2.34
CA THR A 241 -21.17 -0.48 1.55
C THR A 241 -21.15 0.56 0.40
N ARG A 242 -19.96 1.00 0.02
CA ARG A 242 -19.79 1.92 -1.11
C ARG A 242 -19.28 1.15 -2.30
N SER A 243 -19.84 1.43 -3.48
CA SER A 243 -19.41 0.75 -4.71
C SER A 243 -18.02 1.19 -5.21
N TRP A 244 -17.42 0.37 -6.07
CA TRP A 244 -16.13 0.75 -6.66
C TRP A 244 -16.27 2.01 -7.51
N GLN A 245 -17.42 2.19 -8.15
CA GLN A 245 -17.64 3.43 -8.92
C GLN A 245 -17.65 4.66 -8.01
N THR A 246 -18.26 4.54 -6.81
CA THR A 246 -18.17 5.60 -5.79
C THR A 246 -16.74 5.90 -5.40
N ARG A 247 -15.95 4.83 -5.18
CA ARG A 247 -14.52 5.05 -4.86
C ARG A 247 -13.83 5.75 -6.04
N ALA A 248 -14.04 5.22 -7.24
CA ALA A 248 -13.38 5.74 -8.43
C ALA A 248 -13.74 7.20 -8.71
N LEU A 249 -14.97 7.60 -8.40
CA LEU A 249 -15.35 9.02 -8.58
C LEU A 249 -14.45 9.96 -7.78
N LEU A 250 -13.91 9.50 -6.63
CA LEU A 250 -12.98 10.35 -5.89
C LEU A 250 -11.76 10.72 -6.68
N ILE A 251 -11.21 9.79 -7.46
CA ILE A 251 -10.08 10.12 -8.32
C ILE A 251 -10.47 11.29 -9.22
N LYS A 252 -11.60 11.15 -9.89
CA LYS A 252 -12.07 12.26 -10.74
C LYS A 252 -12.25 13.55 -9.91
N ALA A 253 -12.85 13.45 -8.75
CA ALA A 253 -13.15 14.64 -7.93
C ALA A 253 -11.88 15.41 -7.62
N LEU A 254 -10.81 14.68 -7.27
CA LEU A 254 -9.57 15.34 -6.93
C LEU A 254 -8.93 15.91 -8.18
N ILE A 255 -8.99 15.21 -9.30
CA ILE A 255 -8.44 15.74 -10.58
C ILE A 255 -9.21 17.05 -10.95
N ASP A 256 -10.52 17.01 -10.81
CA ASP A 256 -11.37 18.20 -11.13
C ASP A 256 -11.11 19.37 -10.20
N ARG A 257 -10.50 19.12 -9.05
CA ARG A 257 -10.17 20.21 -8.14
C ARG A 257 -8.73 20.65 -8.19
N GLY A 258 -7.98 20.11 -9.15
CA GLY A 258 -6.63 20.60 -9.44
C GLY A 258 -5.55 19.69 -8.84
N TYR A 259 -5.95 18.55 -8.28
CA TYR A 259 -5.03 17.78 -7.45
C TYR A 259 -4.50 16.52 -8.15
N LYS A 260 -4.46 16.53 -9.49
CA LYS A 260 -4.09 15.32 -10.22
C LYS A 260 -2.69 14.78 -9.82
N ASP A 261 -1.77 15.68 -9.46
CA ASP A 261 -0.41 15.26 -9.11
C ASP A 261 -0.30 14.72 -7.69
N ARG A 262 -1.40 14.73 -6.93
CA ARG A 262 -1.38 14.33 -5.50
C ARG A 262 -2.09 12.98 -5.27
N ILE A 263 -2.43 12.25 -6.34
CA ILE A 263 -3.26 11.09 -6.20
C ILE A 263 -2.38 9.86 -6.44
N LEU A 264 -2.57 8.84 -5.61
CA LEU A 264 -2.06 7.50 -5.93
C LEU A 264 -3.22 6.50 -5.87
N VAL A 265 -3.24 5.54 -6.78
CA VAL A 265 -4.40 4.64 -6.93
C VAL A 265 -3.90 3.20 -6.75
N SER A 266 -4.64 2.39 -6.02
CA SER A 266 -4.29 0.97 -5.87
C SER A 266 -5.52 0.16 -5.43
N HIS A 267 -5.31 -1.11 -5.07
CA HIS A 267 -6.39 -1.99 -4.67
C HIS A 267 -6.37 -2.41 -3.20
N ASP A 268 -5.18 -2.47 -2.61
CA ASP A 268 -4.98 -3.11 -1.31
C ASP A 268 -5.36 -4.60 -1.42
N TRP A 269 -5.05 -5.17 -2.59
CA TRP A 269 -5.38 -6.56 -2.83
C TRP A 269 -4.36 -7.50 -2.15
N LEU A 270 -4.69 -8.79 -2.10
CA LEU A 270 -3.73 -9.81 -1.63
C LEU A 270 -4.09 -11.17 -2.19
N PHE A 271 -3.13 -12.10 -2.12
CA PHE A 271 -3.38 -13.44 -2.66
C PHE A 271 -3.52 -14.45 -1.54
N GLY A 272 -3.13 -14.04 -0.33
CA GLY A 272 -3.45 -14.82 0.85
C GLY A 272 -3.70 -13.89 2.01
N PHE A 273 -4.47 -14.35 3.00
CA PHE A 273 -4.99 -13.40 3.97
C PHE A 273 -5.32 -14.09 5.28
N SER A 274 -4.34 -14.17 6.18
CA SER A 274 -4.57 -14.96 7.41
C SER A 274 -4.89 -14.10 8.64
N SER A 275 -4.71 -12.77 8.53
CA SER A 275 -4.97 -11.87 9.70
C SER A 275 -6.43 -11.47 9.86
N TYR A 276 -7.29 -12.07 9.04
CA TYR A 276 -8.70 -11.87 9.20
C TYR A 276 -9.47 -13.19 9.32
N VAL A 277 -10.78 -13.20 9.04
CA VAL A 277 -11.53 -14.46 9.18
C VAL A 277 -11.13 -15.52 8.15
N THR A 278 -11.33 -16.78 8.49
CA THR A 278 -10.89 -17.86 7.63
C THR A 278 -11.72 -17.81 6.31
N ASN A 279 -11.12 -18.12 5.17
CA ASN A 279 -11.92 -18.05 3.90
C ASN A 279 -12.39 -16.63 3.43
N ILE A 280 -11.93 -15.56 4.11
CA ILE A 280 -12.12 -14.21 3.56
C ILE A 280 -11.57 -14.11 2.12
N MET A 281 -10.49 -14.84 1.83
CA MET A 281 -9.88 -14.81 0.49
C MET A 281 -10.86 -15.34 -0.58
N ASP A 282 -11.64 -16.37 -0.26
CA ASP A 282 -12.67 -16.84 -1.21
C ASP A 282 -13.76 -15.81 -1.50
N VAL A 283 -14.27 -15.14 -0.47
CA VAL A 283 -15.19 -14.02 -0.64
C VAL A 283 -14.59 -12.91 -1.54
N MET A 284 -13.35 -12.51 -1.26
CA MET A 284 -12.68 -11.47 -2.08
C MET A 284 -12.50 -11.86 -3.54
N ASP A 285 -12.11 -13.12 -3.77
CA ASP A 285 -11.88 -13.58 -5.12
C ASP A 285 -13.19 -13.65 -5.92
N ARG A 286 -14.30 -13.87 -5.23
CA ARG A 286 -15.61 -13.81 -5.86
C ARG A 286 -16.03 -12.38 -6.20
N ILE A 287 -15.83 -11.46 -5.27
CA ILE A 287 -16.12 -10.04 -5.47
C ILE A 287 -15.26 -9.43 -6.61
N ASN A 288 -13.98 -9.80 -6.66
CA ASN A 288 -13.06 -9.22 -7.65
C ASN A 288 -12.12 -10.25 -8.26
N PRO A 289 -12.64 -11.06 -9.20
CA PRO A 289 -11.80 -12.10 -9.81
C PRO A 289 -10.60 -11.52 -10.56
N ASP A 290 -10.68 -10.26 -10.98
CA ASP A 290 -9.53 -9.62 -11.65
C ASP A 290 -8.36 -9.23 -10.75
N GLY A 291 -8.58 -9.29 -9.44
CA GLY A 291 -7.44 -9.09 -8.53
C GLY A 291 -6.78 -7.74 -8.76
N MET A 292 -5.47 -7.73 -9.02
CA MET A 292 -4.72 -6.48 -9.19
C MET A 292 -4.74 -5.99 -10.64
N ALA A 293 -5.54 -6.65 -11.48
CA ALA A 293 -5.89 -6.07 -12.81
C ALA A 293 -7.14 -5.21 -12.77
N PHE A 294 -7.82 -5.20 -11.65
CA PHE A 294 -9.09 -4.46 -11.59
C PHE A 294 -8.88 -2.95 -11.90
N VAL A 295 -7.84 -2.30 -11.37
CA VAL A 295 -7.64 -0.88 -11.68
C VAL A 295 -7.51 -0.62 -13.21
N PRO A 296 -6.55 -1.30 -13.88
CA PRO A 296 -6.40 -0.99 -15.32
C PRO A 296 -7.61 -1.45 -16.15
N LEU A 297 -8.31 -2.50 -15.72
CA LEU A 297 -9.39 -3.06 -16.54
C LEU A 297 -10.72 -2.36 -16.35
N ARG A 298 -10.97 -1.84 -15.14
CA ARG A 298 -12.28 -1.29 -14.79
C ARG A 298 -12.17 0.19 -14.42
N VAL A 299 -11.21 0.51 -13.55
CA VAL A 299 -11.15 1.89 -13.04
C VAL A 299 -10.68 2.88 -14.11
N ILE A 300 -9.61 2.54 -14.79
CA ILE A 300 -9.04 3.50 -15.72
C ILE A 300 -9.99 3.77 -16.94
N PRO A 301 -10.66 2.71 -17.48
CA PRO A 301 -11.68 3.00 -18.53
C PRO A 301 -12.87 3.79 -18.05
N PHE A 302 -13.35 3.49 -16.84
CA PHE A 302 -14.46 4.25 -16.22
C PHE A 302 -14.09 5.76 -16.21
N LEU A 303 -12.88 6.08 -15.76
CA LEU A 303 -12.40 7.45 -15.73
C LEU A 303 -12.27 8.03 -17.12
N ARG A 304 -11.76 7.26 -18.06
CA ARG A 304 -11.62 7.75 -19.42
C ARG A 304 -13.00 8.07 -19.96
N GLU A 305 -13.97 7.22 -19.63
CA GLU A 305 -15.33 7.44 -20.17
C GLU A 305 -16.02 8.64 -19.55
N LYS A 306 -15.61 8.98 -18.34
CA LYS A 306 -16.04 10.24 -17.70
C LYS A 306 -15.28 11.47 -18.18
N GLY A 307 -14.39 11.29 -19.14
CA GLY A 307 -13.70 12.41 -19.75
C GLY A 307 -12.34 12.75 -19.19
N VAL A 308 -11.79 11.94 -18.27
CA VAL A 308 -10.40 12.20 -17.85
C VAL A 308 -9.46 11.87 -18.98
N PRO A 309 -8.61 12.86 -19.39
CA PRO A 309 -7.70 12.74 -20.52
C PRO A 309 -6.69 11.60 -20.24
N PRO A 310 -6.25 10.89 -21.28
CA PRO A 310 -5.23 9.86 -21.08
C PRO A 310 -3.95 10.38 -20.45
N GLU A 311 -3.52 11.58 -20.86
CA GLU A 311 -2.31 12.14 -20.30
C GLU A 311 -2.46 12.21 -18.77
N THR A 312 -3.66 12.56 -18.33
CA THR A 312 -3.87 12.77 -16.91
C THR A 312 -3.83 11.41 -16.19
N LEU A 313 -4.42 10.40 -16.82
CA LEU A 313 -4.44 9.05 -16.27
C LEU A 313 -3.01 8.44 -16.20
N ALA A 314 -2.20 8.68 -17.23
CA ALA A 314 -0.81 8.30 -17.20
C ALA A 314 -0.02 9.02 -16.12
N GLY A 315 -0.31 10.30 -15.91
CA GLY A 315 0.32 11.08 -14.84
C GLY A 315 -0.04 10.46 -13.48
N VAL A 316 -1.28 9.98 -13.31
CA VAL A 316 -1.66 9.45 -12.00
C VAL A 316 -1.01 8.07 -11.73
N THR A 317 -0.96 7.25 -12.76
CA THR A 317 -0.54 5.81 -12.62
C THR A 317 0.94 5.58 -12.86
N VAL A 318 1.65 6.54 -13.46
CA VAL A 318 3.06 6.37 -13.77
C VAL A 318 3.91 7.48 -13.16
N ALA A 319 3.56 8.74 -13.43
CA ALA A 319 4.43 9.82 -13.02
C ALA A 319 4.35 9.99 -11.49
N ASN A 320 3.13 9.94 -10.92
CA ASN A 320 2.99 10.16 -9.48
C ASN A 320 3.76 9.10 -8.67
N PRO A 321 3.51 7.80 -8.93
CA PRO A 321 4.31 6.76 -8.22
C PRO A 321 5.83 6.96 -8.39
N ALA A 322 6.30 7.34 -9.58
CA ALA A 322 7.74 7.57 -9.84
C ALA A 322 8.32 8.66 -8.95
N ARG A 323 7.61 9.79 -8.86
CA ARG A 323 8.03 10.92 -8.07
C ARG A 323 7.99 10.55 -6.59
N PHE A 324 7.01 9.73 -6.24
CA PHE A 324 6.83 9.33 -4.82
C PHE A 324 7.96 8.37 -4.39
N LEU A 325 8.20 7.37 -5.21
CA LEU A 325 9.13 6.29 -4.84
C LEU A 325 10.60 6.75 -4.95
N SER A 326 10.86 7.65 -5.90
CA SER A 326 12.27 8.15 -6.09
C SER A 326 12.80 8.73 -4.77
N PRO A 327 13.89 8.16 -4.24
CA PRO A 327 14.41 8.69 -2.97
C PRO A 327 14.80 10.15 -3.13
N THR A 328 14.36 10.96 -2.17
CA THR A 328 14.24 12.42 -2.32
C THR A 328 14.56 13.10 -0.99
FE FE2 B . -2.96 -2.87 3.04
CO CO C . -4.46 -0.93 5.61
O4 DPJ D . -3.78 -4.41 4.32
P2 DPJ D . -4.98 -4.48 5.36
S1 DPJ D . -4.98 -2.98 6.69
O3 DPJ D . -6.42 -4.54 4.62
C7 DPJ D . -6.65 -5.48 3.59
C9 DPJ D . -8.14 -5.58 3.34
O5 DPJ D . -4.89 -5.93 6.07
C6 DPJ D . -3.60 -6.57 6.15
C8 DPJ D . -3.40 -7.51 4.99
C1 EDO E . -8.50 -5.60 9.50
O1 EDO E . -8.80 -6.25 10.76
C2 EDO E . -7.32 -6.25 8.77
O2 EDO E . -6.76 -7.34 9.53
#